data_5BRO
#
_entry.id   5BRO
#
_cell.length_a   126.470
_cell.length_b   126.470
_cell.length_c   88.310
_cell.angle_alpha   90.00
_cell.angle_beta   90.00
_cell.angle_gamma   90.00
#
_symmetry.space_group_name_H-M   'P 42 21 2'
#
loop_
_entity.id
_entity.type
_entity.pdbx_description
1 polymer 'Beta-hexosaminidase subunit beta'
2 branched 2-acetamido-2-deoxy-beta-D-glucopyranose-(1-4)-2-acetamido-2-deoxy-beta-D-glucopyranose
3 non-polymer GLYCEROL
4 non-polymer 'FORMIC ACID'
5 water water
#
_entity_poly.entity_id   1
_entity_poly.type   'polypeptide(L)'
_entity_poly.pdbx_seq_one_letter_code
;ARAPSVSAKPGPALWPLPLSVKMTPNLLHLAPENFYISHSPNSTAGPSCTLLEEAFRRYHGYIFGFYKWHHEPAEFQAKT
QVQQLLVSITLQSECDAFPNISSDESYTLLVKEPVAVLKANRVWGALRGLETFSQLVYQDSYGTFTINESTIIDSPRFSH
RGILIDTSRHYLPVKIILKTLDAMAFNKFNVLHWHIVDDQSFPYQSITFPELSNKGSYSLSHVYTPNDVRMVIEYARLRG
IRVLPEFDTPGHTLSWGKGQKDLLTPCYSGSEPLDSFGPINPTLNTTYSFLTTFFKEISEVFPDQFIHLGGDEVEFKCWE
SNPKIQDFMRQKGFGTDFKKLESFYIQKVLDIIATINKGSIVWQEVFDDKAKLAPGTIVEVWKDSAYPEELSRVTASGFP
VILSAPWYLNRISYGQDWRKYYKVEPLDFGGTQKQKQLFIGGEACLWGEYVDATNLTPRLWPRASAVGERLWSSKDVRDM
DDAYDRLTRHRCRMVERGIAAQPLYAGYCNHENM
;
_entity_poly.pdbx_strand_id   A
#
loop_
_chem_comp.id
_chem_comp.type
_chem_comp.name
_chem_comp.formula
FMT non-polymer 'FORMIC ACID' 'C H2 O2'
GOL non-polymer GLYCEROL 'C3 H8 O3'
NAG D-saccharide, beta linking 2-acetamido-2-deoxy-beta-D-glucopyranose 'C8 H15 N O6'
#
# COMPACT_ATOMS: atom_id res chain seq x y z
N GLY A 11 -5.57 26.97 -13.93
CA GLY A 11 -4.85 25.80 -14.58
C GLY A 11 -4.97 24.44 -13.89
N PRO A 12 -4.38 23.37 -14.49
CA PRO A 12 -4.39 22.00 -13.94
C PRO A 12 -3.18 21.63 -13.07
N ALA A 13 -3.48 20.99 -11.96
CA ALA A 13 -2.46 20.36 -11.16
C ALA A 13 -2.45 18.84 -11.35
N LEU A 14 -1.47 18.33 -12.08
CA LEU A 14 -1.32 16.92 -12.23
C LEU A 14 -0.45 16.38 -11.12
N TRP A 15 -0.89 15.30 -10.48
CA TRP A 15 -0.11 14.65 -9.44
C TRP A 15 -0.59 13.23 -9.33
N PRO A 16 0.24 12.21 -9.54
CA PRO A 16 1.60 12.34 -10.01
C PRO A 16 1.70 12.81 -11.47
N LEU A 17 2.80 13.49 -11.77
CA LEU A 17 2.99 14.07 -13.10
C LEU A 17 3.21 12.92 -14.07
N PRO A 18 2.37 12.81 -15.10
CA PRO A 18 2.46 11.71 -16.04
C PRO A 18 3.74 11.76 -16.88
N LEU A 19 4.05 10.60 -17.44
CA LEU A 19 5.27 10.38 -18.18
C LEU A 19 5.45 11.38 -19.32
N SER A 20 4.40 11.54 -20.11
CA SER A 20 4.39 12.43 -21.23
C SER A 20 3.11 13.24 -21.19
N VAL A 21 3.24 14.56 -21.09
CA VAL A 21 2.13 15.45 -21.25
C VAL A 21 2.42 16.34 -22.44
N LYS A 22 1.44 16.56 -23.32
CA LYS A 22 1.53 17.48 -24.48
C LYS A 22 0.34 18.39 -24.50
N MET A 23 0.52 19.59 -23.98
CA MET A 23 -0.55 20.52 -23.84
C MET A 23 -0.59 21.35 -25.11
N THR A 24 -1.80 21.81 -25.47
CA THR A 24 -1.98 22.94 -26.39
C THR A 24 -2.66 24.09 -25.68
N PRO A 25 -2.61 25.28 -26.28
CA PRO A 25 -3.32 26.36 -25.63
C PRO A 25 -4.76 26.44 -26.11
N ASN A 26 -5.26 25.39 -26.78
CA ASN A 26 -6.66 25.37 -27.20
C ASN A 26 -7.60 25.08 -26.05
N LEU A 27 -8.41 26.06 -25.67
CA LEU A 27 -9.33 25.88 -24.56
C LEU A 27 -10.64 25.20 -24.91
N LEU A 28 -10.96 24.16 -24.14
CA LEU A 28 -12.26 23.52 -24.25
C LEU A 28 -13.02 23.65 -22.93
N HIS A 29 -14.33 23.41 -22.99
CA HIS A 29 -15.26 23.62 -21.85
C HIS A 29 -16.03 22.33 -21.58
N LEU A 30 -16.40 22.10 -20.33
CA LEU A 30 -17.31 21.01 -19.98
C LEU A 30 -18.55 21.60 -19.37
N ALA A 31 -19.70 21.18 -19.86
CA ALA A 31 -20.95 21.67 -19.31
C ALA A 31 -21.44 20.63 -18.32
N PRO A 32 -21.69 21.05 -17.07
CA PRO A 32 -22.24 20.17 -16.02
C PRO A 32 -23.62 19.58 -16.31
N GLU A 33 -24.42 20.31 -17.07
CA GLU A 33 -25.73 19.83 -17.42
C GLU A 33 -25.65 18.73 -18.47
N ASN A 34 -24.57 18.65 -19.26
CA ASN A 34 -24.50 17.51 -20.16
C ASN A 34 -23.23 16.68 -20.42
N PHE A 35 -22.07 17.10 -19.96
CA PHE A 35 -20.92 16.20 -20.09
C PHE A 35 -21.10 14.88 -19.37
N TYR A 36 -20.72 13.77 -20.02
CA TYR A 36 -20.74 12.48 -19.36
C TYR A 36 -19.68 11.49 -19.83
N ILE A 37 -19.42 10.52 -18.97
CA ILE A 37 -18.40 9.52 -19.22
C ILE A 37 -19.09 8.20 -19.47
N SER A 38 -18.72 7.53 -20.56
CA SER A 38 -19.30 6.25 -20.92
C SER A 38 -18.32 5.38 -21.68
N HIS A 39 -18.69 4.14 -21.93
CA HIS A 39 -17.92 3.22 -22.76
C HIS A 39 -17.88 3.60 -24.22
N SER A 40 -16.70 3.54 -24.79
CA SER A 40 -16.56 3.43 -26.22
C SER A 40 -17.27 2.21 -26.71
N PRO A 41 -18.01 2.34 -27.83
CA PRO A 41 -18.59 1.12 -28.38
C PRO A 41 -17.54 0.06 -28.75
N ASN A 42 -16.27 0.43 -28.88
CA ASN A 42 -15.22 -0.55 -29.22
C ASN A 42 -14.44 -1.17 -28.00
N SER A 43 -14.90 -0.93 -26.77
CA SER A 43 -14.21 -1.39 -25.58
C SER A 43 -14.41 -2.89 -25.35
N THR A 44 -13.42 -3.56 -24.75
CA THR A 44 -13.69 -4.90 -24.28
C THR A 44 -14.49 -4.95 -22.96
N ALA A 45 -14.67 -3.84 -22.26
CA ALA A 45 -15.50 -3.84 -21.08
C ALA A 45 -16.89 -3.36 -21.46
N GLY A 46 -17.88 -3.93 -20.81
CA GLY A 46 -19.27 -3.65 -21.19
C GLY A 46 -19.95 -2.69 -20.23
N PRO A 47 -21.26 -2.50 -20.38
CA PRO A 47 -22.01 -1.83 -19.30
C PRO A 47 -22.15 -2.79 -18.09
N SER A 48 -21.73 -4.02 -18.34
CA SER A 48 -21.61 -4.98 -17.32
C SER A 48 -20.42 -4.65 -16.41
N CYS A 49 -19.49 -3.80 -16.82
CA CYS A 49 -18.33 -3.56 -15.94
C CYS A 49 -18.56 -2.67 -14.69
N THR A 50 -18.73 -3.34 -13.54
CA THR A 50 -18.99 -2.69 -12.29
C THR A 50 -17.89 -1.74 -11.92
N LEU A 51 -16.66 -2.20 -12.03
CA LEU A 51 -15.54 -1.34 -11.69
C LEU A 51 -15.55 -0.02 -12.46
N LEU A 52 -15.71 -0.09 -13.76
CA LEU A 52 -15.72 1.10 -14.55
C LEU A 52 -16.96 1.95 -14.35
N GLU A 53 -18.14 1.35 -14.28
CA GLU A 53 -19.36 2.16 -14.11
C GLU A 53 -19.34 2.96 -12.82
N GLU A 54 -18.94 2.30 -11.74
CA GLU A 54 -18.88 3.01 -10.49
C GLU A 54 -17.81 4.11 -10.53
N ALA A 55 -16.77 3.87 -11.30
CA ALA A 55 -15.74 4.87 -11.43
C ALA A 55 -16.18 6.05 -12.33
N PHE A 56 -17.01 5.77 -13.34
CA PHE A 56 -17.60 6.84 -14.17
C PHE A 56 -18.44 7.76 -13.29
N ARG A 57 -19.31 7.17 -12.48
CA ARG A 57 -20.18 7.95 -11.62
C ARG A 57 -19.38 8.79 -10.64
N ARG A 58 -18.44 8.18 -9.95
CA ARG A 58 -17.81 8.91 -8.90
C ARG A 58 -16.88 10.01 -9.45
N TYR A 59 -16.27 9.78 -10.61
CA TYR A 59 -15.50 10.83 -11.29
C TYR A 59 -16.33 11.97 -11.89
N HIS A 60 -17.53 11.70 -12.35
CA HIS A 60 -18.45 12.77 -12.72
C HIS A 60 -18.70 13.69 -11.53
N GLY A 61 -18.94 13.11 -10.36
CA GLY A 61 -19.11 13.87 -9.14
C GLY A 61 -17.88 14.70 -8.79
N TYR A 62 -16.72 14.10 -8.81
CA TYR A 62 -15.54 14.83 -8.41
C TYR A 62 -15.39 16.09 -9.25
N ILE A 63 -15.54 15.95 -10.57
CA ILE A 63 -15.28 17.03 -11.51
C ILE A 63 -16.27 18.19 -11.31
N PHE A 64 -17.54 17.91 -11.02
CA PHE A 64 -18.55 18.96 -10.81
C PHE A 64 -18.95 19.21 -9.35
N GLY A 65 -19.61 18.25 -8.72
CA GLY A 65 -20.49 18.51 -7.54
C GLY A 65 -19.79 19.15 -6.36
N PHE A 76 -15.52 32.93 -27.73
CA PHE A 76 -15.89 32.16 -28.92
C PHE A 76 -16.22 30.72 -28.51
N GLN A 77 -17.51 30.45 -28.28
CA GLN A 77 -18.00 29.21 -27.65
C GLN A 77 -18.44 28.12 -28.65
N ALA A 78 -18.15 28.30 -29.95
CA ALA A 78 -18.50 27.28 -30.97
C ALA A 78 -17.39 26.23 -31.12
N LYS A 79 -17.76 24.97 -31.02
CA LYS A 79 -16.82 23.86 -31.26
C LYS A 79 -15.79 23.71 -30.13
N THR A 80 -16.19 24.17 -28.95
CA THR A 80 -15.31 24.14 -27.80
C THR A 80 -15.88 23.26 -26.69
N GLN A 81 -17.03 22.64 -26.89
CA GLN A 81 -17.65 21.85 -25.83
C GLN A 81 -17.14 20.43 -25.94
N VAL A 82 -16.48 19.92 -24.90
CA VAL A 82 -16.28 18.47 -24.75
C VAL A 82 -17.55 17.86 -24.19
N GLN A 83 -18.19 16.98 -24.98
CA GLN A 83 -19.52 16.46 -24.64
C GLN A 83 -19.35 15.21 -23.83
N GLN A 84 -18.42 14.40 -24.27
CA GLN A 84 -18.22 13.07 -23.73
C GLN A 84 -16.75 12.81 -23.51
N LEU A 85 -16.47 11.96 -22.54
CA LEU A 85 -15.24 11.19 -22.45
C LEU A 85 -15.63 9.77 -22.74
N LEU A 86 -15.01 9.18 -23.74
CA LEU A 86 -15.24 7.79 -24.00
C LEU A 86 -14.09 6.94 -23.52
N VAL A 87 -14.42 5.78 -22.96
CA VAL A 87 -13.41 4.98 -22.31
C VAL A 87 -13.30 3.66 -23.01
N SER A 88 -12.11 3.36 -23.49
CA SER A 88 -11.93 2.16 -24.29
C SER A 88 -10.89 1.29 -23.62
N ILE A 89 -11.24 0.06 -23.31
CA ILE A 89 -10.29 -0.95 -22.89
C ILE A 89 -9.94 -1.81 -24.10
N THR A 90 -8.65 -2.05 -24.28
CA THR A 90 -8.17 -2.61 -25.54
C THR A 90 -7.98 -4.14 -25.51
N LEU A 91 -7.30 -4.61 -24.47
CA LEU A 91 -7.17 -6.03 -24.21
C LEU A 91 -8.26 -6.55 -23.26
N GLN A 92 -8.23 -7.85 -22.99
CA GLN A 92 -9.17 -8.42 -22.04
C GLN A 92 -9.14 -7.57 -20.76
N SER A 93 -10.32 -7.20 -20.29
CA SER A 93 -10.46 -6.02 -19.46
C SER A 93 -9.85 -6.18 -18.05
N GLU A 94 -9.92 -7.42 -17.52
CA GLU A 94 -9.61 -7.80 -16.12
C GLU A 94 -10.61 -7.23 -15.09
N CYS A 95 -11.75 -6.75 -15.62
CA CYS A 95 -12.86 -6.13 -14.86
C CYS A 95 -13.30 -6.96 -13.66
N ASP A 96 -13.34 -8.28 -13.86
CA ASP A 96 -13.78 -9.22 -12.86
C ASP A 96 -12.67 -9.64 -11.86
N ALA A 97 -11.44 -9.19 -12.07
CA ALA A 97 -10.26 -9.82 -11.44
C ALA A 97 -9.66 -8.93 -10.37
N PHE A 98 -8.70 -9.47 -9.62
CA PHE A 98 -7.97 -8.67 -8.63
C PHE A 98 -6.68 -8.22 -9.21
N PRO A 99 -6.28 -6.96 -8.91
CA PRO A 99 -5.00 -6.51 -9.42
C PRO A 99 -3.83 -7.27 -8.77
N ASN A 100 -2.66 -7.16 -9.40
CA ASN A 100 -1.50 -7.87 -8.91
C ASN A 100 -0.27 -7.17 -9.40
N ILE A 101 0.90 -7.60 -8.94
CA ILE A 101 2.12 -6.86 -9.18
C ILE A 101 2.36 -6.64 -10.68
N SER A 102 1.75 -7.44 -11.54
CA SER A 102 2.02 -7.27 -12.99
C SER A 102 0.84 -6.62 -13.71
N SER A 103 -0.15 -6.18 -12.97
CA SER A 103 -1.25 -5.44 -13.57
C SER A 103 -0.79 -4.24 -14.38
N ASP A 104 -1.27 -4.14 -15.62
CA ASP A 104 -0.88 -3.08 -16.53
C ASP A 104 -1.72 -1.83 -16.24
N GLU A 105 -1.06 -0.78 -15.77
CA GLU A 105 -1.73 0.44 -15.37
C GLU A 105 -1.56 1.57 -16.37
N SER A 106 -0.98 1.24 -17.53
CA SER A 106 -0.68 2.21 -18.57
C SER A 106 -2.03 2.63 -19.19
N TYR A 107 -2.06 3.86 -19.71
CA TYR A 107 -3.23 4.39 -20.42
C TYR A 107 -2.73 5.48 -21.35
N THR A 108 -3.58 5.90 -22.28
CA THR A 108 -3.45 7.22 -22.92
C THR A 108 -4.77 7.97 -22.98
N LEU A 109 -4.63 9.29 -22.97
CA LEU A 109 -5.72 10.20 -22.78
C LEU A 109 -5.64 11.22 -23.90
N LEU A 110 -6.68 11.28 -24.73
CA LEU A 110 -6.72 12.25 -25.79
C LEU A 110 -7.80 13.27 -25.52
N VAL A 111 -7.43 14.45 -25.05
CA VAL A 111 -8.48 15.44 -24.73
C VAL A 111 -8.72 16.30 -25.93
N LYS A 112 -9.87 16.16 -26.56
CA LYS A 112 -10.22 16.94 -27.76
C LYS A 112 -11.73 17.17 -27.78
N GLU A 113 -12.20 18.03 -28.68
CA GLU A 113 -13.62 18.29 -28.86
C GLU A 113 -13.97 17.52 -30.12
N PRO A 114 -15.17 16.97 -30.21
CA PRO A 114 -16.21 17.04 -29.20
C PRO A 114 -16.18 15.88 -28.23
N VAL A 115 -15.36 14.89 -28.53
CA VAL A 115 -15.34 13.66 -27.75
C VAL A 115 -13.92 13.29 -27.32
N ALA A 116 -13.64 13.42 -26.02
CA ALA A 116 -12.32 13.04 -25.48
C ALA A 116 -12.26 11.53 -25.39
N VAL A 117 -11.05 10.95 -25.53
CA VAL A 117 -10.92 9.51 -25.45
C VAL A 117 -9.87 9.12 -24.43
N LEU A 118 -10.24 8.16 -23.59
CA LEU A 118 -9.32 7.51 -22.71
C LEU A 118 -9.19 6.08 -23.18
N LYS A 119 -7.96 5.65 -23.38
CA LYS A 119 -7.71 4.33 -23.92
C LYS A 119 -6.67 3.61 -23.09
N ALA A 120 -6.95 2.39 -22.69
CA ALA A 120 -6.04 1.67 -21.80
C ALA A 120 -6.07 0.23 -22.16
N ASN A 121 -4.96 -0.47 -21.91
CA ASN A 121 -4.97 -1.90 -22.18
C ASN A 121 -5.91 -2.63 -21.27
N ARG A 122 -5.96 -2.20 -20.01
CA ARG A 122 -6.76 -2.84 -19.00
C ARG A 122 -7.53 -1.79 -18.14
N VAL A 123 -8.55 -2.30 -17.48
CA VAL A 123 -9.32 -1.62 -16.49
C VAL A 123 -8.43 -0.80 -15.56
N TRP A 124 -7.28 -1.35 -15.16
CA TRP A 124 -6.43 -0.67 -14.17
C TRP A 124 -5.92 0.65 -14.70
N GLY A 125 -5.58 0.69 -15.98
CA GLY A 125 -5.09 1.89 -16.60
C GLY A 125 -6.18 2.95 -16.80
N ALA A 126 -7.41 2.53 -16.95
CA ALA A 126 -8.47 3.48 -17.15
C ALA A 126 -8.82 4.21 -15.82
N LEU A 127 -8.73 3.49 -14.72
CA LEU A 127 -8.96 4.10 -13.40
C LEU A 127 -7.93 5.16 -13.19
N ARG A 128 -6.72 4.85 -13.59
CA ARG A 128 -5.67 5.86 -13.47
C ARG A 128 -5.96 7.02 -14.36
N GLY A 129 -6.37 6.74 -15.59
CA GLY A 129 -6.59 7.79 -16.54
C GLY A 129 -7.74 8.68 -16.12
N LEU A 130 -8.74 8.09 -15.48
CA LEU A 130 -9.91 8.88 -15.06
C LEU A 130 -9.53 9.93 -14.05
N GLU A 131 -8.65 9.53 -13.13
CA GLU A 131 -8.10 10.44 -12.15
C GLU A 131 -7.36 11.55 -12.85
N THR A 132 -6.40 11.19 -13.70
CA THR A 132 -5.66 12.21 -14.44
C THR A 132 -6.61 13.15 -15.22
N PHE A 133 -7.58 12.55 -15.90
CA PHE A 133 -8.49 13.39 -16.66
C PHE A 133 -9.13 14.41 -15.74
N SER A 134 -9.66 13.95 -14.59
CA SER A 134 -10.22 14.86 -13.59
C SER A 134 -9.25 15.95 -13.16
N GLN A 135 -7.96 15.64 -13.13
CA GLN A 135 -7.01 16.68 -12.72
C GLN A 135 -6.75 17.71 -13.79
N LEU A 136 -7.10 17.39 -15.03
CA LEU A 136 -6.95 18.35 -16.13
C LEU A 136 -8.00 19.47 -16.12
N VAL A 137 -9.10 19.26 -15.44
CA VAL A 137 -10.21 20.22 -15.45
C VAL A 137 -9.95 21.31 -14.41
N TYR A 138 -10.32 22.54 -14.75
CA TYR A 138 -10.19 23.64 -13.81
C TYR A 138 -11.28 24.68 -14.03
N GLN A 139 -11.75 25.29 -12.96
CA GLN A 139 -12.66 26.45 -13.09
C GLN A 139 -11.88 27.76 -13.27
N ASP A 140 -12.32 28.61 -14.20
CA ASP A 140 -11.97 30.03 -14.18
C ASP A 140 -12.93 30.78 -13.21
N SER A 141 -12.93 32.12 -13.23
CA SER A 141 -13.67 32.95 -12.25
C SER A 141 -15.18 32.68 -12.24
N TYR A 142 -15.78 32.64 -13.44
CA TYR A 142 -17.24 32.55 -13.58
C TYR A 142 -17.76 31.18 -13.19
N GLY A 143 -16.86 30.22 -13.08
CA GLY A 143 -17.25 28.88 -12.70
C GLY A 143 -17.44 27.98 -13.90
N THR A 144 -16.80 28.34 -15.00
CA THR A 144 -16.80 27.55 -16.20
C THR A 144 -15.76 26.46 -16.10
N PHE A 145 -16.21 25.22 -16.22
CA PHE A 145 -15.30 24.11 -16.26
C PHE A 145 -14.55 24.06 -17.59
N THR A 146 -13.21 24.05 -17.47
CA THR A 146 -12.30 24.34 -18.56
C THR A 146 -11.24 23.22 -18.61
N ILE A 147 -10.82 22.85 -19.82
CA ILE A 147 -9.75 21.89 -20.01
C ILE A 147 -9.08 22.15 -21.36
N ASN A 148 -7.77 21.91 -21.40
CA ASN A 148 -7.02 22.18 -22.61
C ASN A 148 -6.94 20.93 -23.42
N GLU A 149 -7.08 21.10 -24.73
CA GLU A 149 -6.64 20.07 -25.66
C GLU A 149 -5.23 19.61 -25.31
N SER A 150 -5.05 18.32 -25.17
CA SER A 150 -3.80 17.78 -24.67
C SER A 150 -3.82 16.32 -25.01
N THR A 151 -2.67 15.68 -24.87
CA THR A 151 -2.52 14.26 -25.16
C THR A 151 -1.55 13.77 -24.04
N ILE A 152 -1.95 12.70 -23.36
CA ILE A 152 -1.17 12.20 -22.25
C ILE A 152 -1.00 10.73 -22.50
N ILE A 153 0.22 10.26 -22.34
CA ILE A 153 0.54 8.85 -22.42
C ILE A 153 1.26 8.58 -21.10
N ASP A 154 0.79 7.61 -20.30
CA ASP A 154 1.26 7.50 -18.92
C ASP A 154 1.43 6.03 -18.52
N SER A 155 2.43 5.78 -17.68
CA SER A 155 2.65 4.51 -17.03
C SER A 155 3.61 4.70 -15.88
N PRO A 156 3.47 3.85 -14.86
CA PRO A 156 4.24 4.04 -13.62
C PRO A 156 5.67 3.61 -13.75
N ARG A 157 6.58 4.35 -13.16
CA ARG A 157 7.91 3.82 -12.90
C ARG A 157 7.98 2.52 -12.13
N PHE A 158 7.35 2.44 -10.97
CA PHE A 158 7.38 1.17 -10.26
C PHE A 158 5.98 0.74 -10.04
N SER A 159 5.83 -0.53 -9.76
CA SER A 159 4.54 -1.19 -9.75
C SER A 159 4.02 -1.56 -8.32
N HIS A 160 4.91 -1.60 -7.34
CA HIS A 160 4.50 -1.71 -5.94
C HIS A 160 4.56 -0.34 -5.29
N ARG A 161 3.41 0.24 -5.06
CA ARG A 161 3.35 1.57 -4.49
C ARG A 161 2.35 1.48 -3.32
N GLY A 162 2.89 1.42 -2.10
CA GLY A 162 2.15 1.00 -0.95
C GLY A 162 1.96 2.10 0.06
N ILE A 163 0.87 1.99 0.82
CA ILE A 163 0.69 2.65 2.11
C ILE A 163 0.61 1.57 3.16
N LEU A 164 1.37 1.73 4.22
CA LEU A 164 1.21 0.84 5.34
C LEU A 164 0.31 1.50 6.37
N ILE A 165 -0.74 0.80 6.79
CA ILE A 165 -1.51 1.26 7.94
C ILE A 165 -1.48 0.22 9.04
N ASP A 166 -1.66 0.68 10.29
CA ASP A 166 -1.49 -0.17 11.47
C ASP A 166 -2.78 -0.12 12.27
N THR A 167 -3.51 -1.21 12.34
CA THR A 167 -4.81 -1.23 12.96
C THR A 167 -4.74 -1.99 14.28
N SER A 168 -3.53 -2.08 14.86
CA SER A 168 -3.37 -2.75 16.17
C SER A 168 -3.05 -1.75 17.23
N ARG A 169 -2.14 -0.87 16.92
CA ARG A 169 -1.76 0.12 17.88
C ARG A 169 -2.97 0.99 18.18
N HIS A 170 -3.70 1.37 17.12
CA HIS A 170 -5.12 1.75 17.23
C HIS A 170 -5.96 1.02 16.23
N TYR A 171 -7.22 0.79 16.61
CA TYR A 171 -8.23 0.21 15.70
C TYR A 171 -8.66 1.35 14.78
N LEU A 172 -8.71 1.10 13.47
CA LEU A 172 -9.29 2.05 12.51
C LEU A 172 -10.63 1.49 12.03
N PRO A 173 -11.71 2.25 12.23
CA PRO A 173 -12.97 1.82 11.68
C PRO A 173 -12.86 1.61 10.20
N VAL A 174 -13.67 0.73 9.70
CA VAL A 174 -13.65 0.47 8.29
C VAL A 174 -13.80 1.74 7.47
N LYS A 175 -14.65 2.64 7.90
CA LYS A 175 -14.90 3.86 7.11
C LYS A 175 -13.61 4.61 6.81
N ILE A 176 -12.69 4.60 7.77
CA ILE A 176 -11.45 5.39 7.67
C ILE A 176 -10.49 4.68 6.75
N ILE A 177 -10.54 3.35 6.76
CA ILE A 177 -9.79 2.54 5.81
C ILE A 177 -10.39 2.82 4.40
N LEU A 178 -11.70 2.75 4.25
CA LEU A 178 -12.30 3.14 2.97
C LEU A 178 -11.84 4.51 2.49
N LYS A 179 -11.81 5.48 3.40
CA LYS A 179 -11.46 6.82 2.97
C LYS A 179 -9.99 6.84 2.57
N THR A 180 -9.20 6.00 3.19
CA THR A 180 -7.78 6.00 2.89
C THR A 180 -7.55 5.41 1.49
N LEU A 181 -8.25 4.34 1.17
CA LEU A 181 -8.24 3.80 -0.16
C LEU A 181 -8.69 4.82 -1.21
N ASP A 182 -9.70 5.63 -0.91
CA ASP A 182 -10.04 6.70 -1.87
C ASP A 182 -8.85 7.65 -2.07
N ALA A 183 -8.21 8.01 -0.98
CA ALA A 183 -7.11 8.94 -1.09
C ALA A 183 -6.00 8.31 -1.93
N MET A 184 -5.85 7.00 -1.79
CA MET A 184 -4.83 6.27 -2.48
C MET A 184 -5.09 6.26 -3.98
N ALA A 185 -6.30 5.94 -4.39
CA ALA A 185 -6.70 6.18 -5.77
C ALA A 185 -6.32 7.58 -6.25
N PHE A 186 -6.63 8.61 -5.48
CA PHE A 186 -6.38 9.96 -6.01
C PHE A 186 -4.87 10.19 -6.24
N ASN A 187 -4.06 9.39 -5.57
CA ASN A 187 -2.61 9.59 -5.61
C ASN A 187 -1.89 8.48 -6.38
N LYS A 188 -2.67 7.58 -6.94
CA LYS A 188 -2.22 6.46 -7.75
C LYS A 188 -1.38 5.42 -7.04
N PHE A 189 -1.58 5.28 -5.73
CA PHE A 189 -1.05 4.20 -4.94
C PHE A 189 -1.85 3.02 -5.28
N ASN A 190 -1.27 1.85 -5.11
CA ASN A 190 -1.94 0.62 -5.48
C ASN A 190 -1.77 -0.54 -4.57
N VAL A 191 -1.08 -0.37 -3.46
CA VAL A 191 -1.05 -1.41 -2.45
C VAL A 191 -1.42 -0.89 -1.08
N LEU A 192 -2.37 -1.55 -0.43
CA LEU A 192 -2.68 -1.27 0.95
C LEU A 192 -2.00 -2.36 1.76
N HIS A 193 -0.96 -1.97 2.50
CA HIS A 193 -0.21 -2.89 3.39
C HIS A 193 -0.84 -2.82 4.76
N TRP A 194 -1.68 -3.78 5.03
CA TRP A 194 -2.57 -3.73 6.16
C TRP A 194 -1.87 -4.49 7.27
N HIS A 195 -1.22 -3.74 8.15
CA HIS A 195 -0.61 -4.31 9.32
C HIS A 195 -1.69 -4.45 10.40
N ILE A 196 -2.45 -5.52 10.28
CA ILE A 196 -3.76 -5.64 10.92
C ILE A 196 -3.67 -6.00 12.40
N VAL A 197 -2.66 -6.79 12.77
CA VAL A 197 -2.42 -7.19 14.17
C VAL A 197 -0.98 -6.89 14.61
N ASP A 198 -0.76 -6.93 15.94
CA ASP A 198 0.53 -6.64 16.55
C ASP A 198 0.40 -6.82 18.08
N ASP A 199 1.32 -6.22 18.83
CA ASP A 199 1.46 -6.53 20.24
C ASP A 199 0.18 -6.14 20.99
N GLN A 200 -0.28 -4.91 20.75
CA GLN A 200 -1.28 -4.28 21.59
C GLN A 200 -2.71 -4.87 21.44
N SER A 201 -3.03 -5.39 20.26
CA SER A 201 -4.40 -5.86 20.00
C SER A 201 -4.44 -6.74 18.76
N PHE A 202 -5.33 -7.70 18.77
CA PHE A 202 -5.58 -8.52 17.60
C PHE A 202 -7.04 -8.31 17.14
N PRO A 203 -7.30 -7.33 16.23
CA PRO A 203 -8.69 -7.11 15.76
C PRO A 203 -9.18 -8.06 14.69
N TYR A 204 -8.28 -8.74 13.98
CA TYR A 204 -8.72 -9.65 12.93
C TYR A 204 -9.58 -10.76 13.53
N GLN A 205 -10.76 -10.97 12.99
CA GLN A 205 -11.62 -12.09 13.42
C GLN A 205 -11.43 -13.39 12.59
N SER A 206 -10.82 -14.39 13.21
CA SER A 206 -10.54 -15.63 12.56
C SER A 206 -11.66 -16.61 12.76
N ILE A 207 -12.03 -17.25 11.66
CA ILE A 207 -13.10 -18.21 11.65
C ILE A 207 -12.59 -19.49 12.32
N THR A 208 -11.39 -19.96 11.95
CA THR A 208 -10.83 -21.20 12.54
C THR A 208 -10.33 -21.01 13.95
N PHE A 209 -10.07 -19.77 14.36
CA PHE A 209 -9.63 -19.47 15.73
C PHE A 209 -10.34 -18.26 16.31
N PRO A 210 -11.62 -18.41 16.73
CA PRO A 210 -12.41 -17.26 17.17
C PRO A 210 -11.81 -16.54 18.38
N GLU A 211 -10.94 -17.23 19.13
CA GLU A 211 -10.50 -16.71 20.40
C GLU A 211 -9.35 -15.73 20.25
N LEU A 212 -8.65 -15.74 19.11
CA LEU A 212 -7.63 -14.70 18.91
C LEU A 212 -8.21 -13.32 19.08
N SER A 213 -9.28 -13.01 18.32
CA SER A 213 -9.97 -11.70 18.43
C SER A 213 -10.79 -11.60 19.71
N ASN A 214 -11.42 -12.70 20.14
CA ASN A 214 -12.28 -12.63 21.34
C ASN A 214 -11.50 -12.17 22.55
N LYS A 215 -10.27 -12.65 22.68
CA LYS A 215 -9.46 -12.34 23.84
C LYS A 215 -8.38 -11.36 23.55
N GLY A 216 -8.05 -11.19 22.26
CA GLY A 216 -6.94 -10.32 21.88
C GLY A 216 -7.29 -8.93 21.41
N SER A 217 -8.52 -8.74 20.98
CA SER A 217 -8.94 -7.41 20.57
C SER A 217 -9.05 -6.45 21.75
N TYR A 218 -9.01 -5.15 21.45
CA TYR A 218 -9.17 -4.14 22.47
C TYR A 218 -10.53 -4.31 23.19
N SER A 219 -11.58 -4.52 22.42
CA SER A 219 -12.94 -4.88 22.89
C SER A 219 -13.64 -5.51 21.70
N LEU A 220 -14.87 -5.91 21.91
CA LEU A 220 -15.59 -6.67 20.89
C LEU A 220 -16.18 -5.79 19.79
N SER A 221 -16.09 -4.48 19.94
CA SER A 221 -16.45 -3.63 18.80
C SER A 221 -15.22 -2.93 18.15
N HIS A 222 -14.01 -3.37 18.54
CA HIS A 222 -12.77 -3.08 17.80
C HIS A 222 -12.24 -4.34 17.09
N VAL A 223 -13.02 -4.79 16.12
CA VAL A 223 -12.85 -6.06 15.46
C VAL A 223 -13.05 -5.83 13.96
N TYR A 224 -12.40 -6.64 13.12
CA TYR A 224 -12.73 -6.74 11.71
C TYR A 224 -13.34 -8.09 11.39
N THR A 225 -14.61 -8.07 10.98
CA THR A 225 -15.37 -9.27 10.73
C THR A 225 -15.00 -9.76 9.36
N PRO A 226 -15.40 -11.00 9.04
CA PRO A 226 -15.18 -11.43 7.67
C PRO A 226 -15.88 -10.47 6.67
N ASN A 227 -17.04 -9.94 7.05
CA ASN A 227 -17.70 -8.93 6.23
C ASN A 227 -16.89 -7.65 6.13
N ASP A 228 -16.32 -7.16 7.24
CA ASP A 228 -15.49 -5.97 7.13
C ASP A 228 -14.34 -6.21 6.19
N VAL A 229 -13.77 -7.40 6.25
CA VAL A 229 -12.57 -7.68 5.50
C VAL A 229 -12.91 -7.78 4.00
N ARG A 230 -13.92 -8.57 3.67
CA ARG A 230 -14.54 -8.56 2.33
C ARG A 230 -14.81 -7.14 1.79
N MET A 231 -15.29 -6.27 2.66
CA MET A 231 -15.58 -4.92 2.24
C MET A 231 -14.33 -4.17 1.91
N VAL A 232 -13.34 -4.21 2.79
CA VAL A 232 -12.12 -3.48 2.46
C VAL A 232 -11.51 -3.97 1.12
N ILE A 233 -11.56 -5.27 0.86
CA ILE A 233 -10.87 -5.89 -0.25
C ILE A 233 -11.55 -5.54 -1.57
N GLU A 234 -12.88 -5.63 -1.58
CA GLU A 234 -13.65 -5.25 -2.78
C GLU A 234 -13.59 -3.76 -3.07
N TYR A 235 -13.65 -2.94 -2.04
CA TYR A 235 -13.55 -1.50 -2.21
C TYR A 235 -12.18 -1.15 -2.73
N ALA A 236 -11.16 -1.89 -2.29
CA ALA A 236 -9.82 -1.69 -2.83
C ALA A 236 -9.78 -2.12 -4.29
N ARG A 237 -10.32 -3.30 -4.58
CA ARG A 237 -10.28 -3.88 -5.92
C ARG A 237 -10.92 -2.91 -6.90
N LEU A 238 -12.02 -2.33 -6.49
CA LEU A 238 -12.72 -1.43 -7.37
C LEU A 238 -11.91 -0.22 -7.69
N ARG A 239 -10.87 0.02 -6.91
CA ARG A 239 -9.98 1.16 -7.17
C ARG A 239 -8.59 0.71 -7.65
N GLY A 240 -8.50 -0.57 -8.03
CA GLY A 240 -7.25 -1.06 -8.57
C GLY A 240 -6.13 -1.11 -7.54
N ILE A 241 -6.52 -1.41 -6.30
CA ILE A 241 -5.60 -1.47 -5.18
C ILE A 241 -5.60 -2.88 -4.62
N ARG A 242 -4.41 -3.40 -4.39
CA ARG A 242 -4.22 -4.74 -3.82
C ARG A 242 -4.24 -4.59 -2.31
N VAL A 243 -4.85 -5.54 -1.61
CA VAL A 243 -4.74 -5.58 -0.13
C VAL A 243 -3.73 -6.64 0.30
N LEU A 244 -2.60 -6.19 0.81
CA LEU A 244 -1.52 -7.09 1.26
C LEU A 244 -1.62 -7.15 2.78
N PRO A 245 -2.04 -8.28 3.30
CA PRO A 245 -2.06 -8.48 4.73
C PRO A 245 -0.67 -8.74 5.33
N GLU A 246 -0.43 -8.19 6.51
CA GLU A 246 0.72 -8.61 7.30
C GLU A 246 0.22 -9.15 8.60
N PHE A 247 0.58 -10.39 8.86
CA PHE A 247 0.41 -11.03 10.13
C PHE A 247 1.81 -11.37 10.68
N ASP A 248 2.39 -10.37 11.33
CA ASP A 248 3.78 -10.33 11.79
C ASP A 248 4.05 -11.41 12.82
N THR A 249 4.86 -12.39 12.45
CA THR A 249 5.50 -13.30 13.42
C THR A 249 7.06 -13.21 13.31
N PRO A 250 7.79 -13.57 14.39
CA PRO A 250 7.27 -14.08 15.67
C PRO A 250 7.30 -13.07 16.78
N GLY A 251 8.00 -11.97 16.58
CA GLY A 251 7.82 -10.78 17.36
C GLY A 251 6.47 -10.11 17.08
N HIS A 252 6.14 -9.13 17.92
CA HIS A 252 4.96 -8.31 17.75
C HIS A 252 3.71 -9.19 17.83
N THR A 253 3.74 -10.15 18.75
CA THR A 253 2.67 -11.08 18.83
C THR A 253 2.02 -11.16 20.20
N LEU A 254 2.24 -10.16 21.05
CA LEU A 254 1.72 -10.24 22.43
C LEU A 254 0.26 -10.55 22.40
N SER A 255 -0.52 -9.74 21.67
CA SER A 255 -1.99 -9.90 21.60
C SER A 255 -2.41 -11.28 21.14
N TRP A 256 -1.56 -12.03 20.45
CA TRP A 256 -1.98 -13.38 19.98
C TRP A 256 -2.04 -14.37 21.11
N GLY A 257 -1.25 -14.09 22.13
CA GLY A 257 -1.09 -15.04 23.24
C GLY A 257 -2.39 -15.19 24.01
N LYS A 258 -3.11 -14.10 24.17
CA LYS A 258 -4.35 -14.12 24.93
C LYS A 258 -5.30 -15.26 24.47
N GLY A 259 -5.40 -15.53 23.18
CA GLY A 259 -6.38 -16.48 22.67
C GLY A 259 -5.86 -17.84 22.22
N GLN A 260 -4.53 -17.98 22.07
CA GLN A 260 -3.94 -19.26 21.69
C GLN A 260 -2.94 -19.67 22.79
N LYS A 261 -3.31 -20.67 23.60
CA LYS A 261 -2.48 -21.01 24.76
C LYS A 261 -1.22 -21.73 24.28
N ASP A 262 -0.14 -21.49 25.00
CA ASP A 262 1.13 -22.17 24.76
C ASP A 262 1.76 -21.73 23.47
N LEU A 263 1.29 -20.62 22.93
CA LEU A 263 1.88 -20.13 21.71
C LEU A 263 3.10 -19.28 22.01
N LEU A 264 3.06 -18.41 23.01
CA LEU A 264 4.21 -17.52 23.26
C LEU A 264 5.21 -18.11 24.26
N THR A 265 6.43 -17.62 24.18
CA THR A 265 7.53 -18.03 25.03
C THR A 265 7.31 -17.48 26.42
N PRO A 266 7.24 -18.37 27.42
CA PRO A 266 7.15 -17.87 28.82
C PRO A 266 8.48 -17.27 29.26
N CYS A 267 8.51 -16.06 29.78
CA CYS A 267 9.80 -15.46 30.20
C CYS A 267 10.22 -15.99 31.58
N TYR A 268 11.54 -16.11 31.78
CA TYR A 268 12.14 -16.58 33.04
C TYR A 268 13.21 -15.64 33.51
N SER A 269 13.46 -15.67 34.82
CA SER A 269 14.64 -15.03 35.41
C SER A 269 15.40 -16.07 36.21
N GLY A 270 16.54 -16.47 35.67
CA GLY A 270 17.16 -17.70 36.08
C GLY A 270 16.11 -18.77 35.95
N SER A 271 15.82 -19.45 37.05
CA SER A 271 14.85 -20.54 37.04
C SER A 271 13.48 -20.12 37.59
N GLU A 272 13.33 -18.86 37.96
CA GLU A 272 12.03 -18.32 38.32
C GLU A 272 11.18 -17.96 37.08
N PRO A 273 10.01 -18.62 36.88
CA PRO A 273 9.15 -18.15 35.78
C PRO A 273 8.54 -16.77 36.06
N LEU A 274 8.60 -15.89 35.06
CA LEU A 274 7.93 -14.62 35.16
C LEU A 274 6.51 -14.73 34.59
N ASP A 275 5.68 -13.75 34.93
CA ASP A 275 4.34 -13.69 34.38
C ASP A 275 4.39 -13.24 32.92
N SER A 276 5.51 -12.67 32.50
CA SER A 276 5.58 -12.09 31.19
C SER A 276 5.84 -13.14 30.08
N PHE A 277 5.55 -12.73 28.85
CA PHE A 277 5.64 -13.56 27.64
C PHE A 277 6.48 -12.83 26.62
N GLY A 278 7.22 -13.58 25.81
CA GLY A 278 8.01 -12.99 24.72
C GLY A 278 7.46 -13.46 23.38
N PRO A 279 8.32 -13.49 22.35
CA PRO A 279 7.91 -13.94 21.02
C PRO A 279 7.26 -15.31 21.03
N ILE A 280 6.68 -15.65 19.89
CA ILE A 280 6.17 -16.99 19.62
C ILE A 280 7.31 -17.98 19.86
N ASN A 281 6.93 -19.16 20.32
CA ASN A 281 7.85 -20.16 20.72
C ASN A 281 8.05 -21.08 19.53
N PRO A 282 9.23 -20.98 18.89
CA PRO A 282 9.55 -21.69 17.66
C PRO A 282 10.00 -23.10 17.90
N THR A 283 9.92 -23.57 19.12
CA THR A 283 10.40 -24.92 19.42
C THR A 283 9.32 -25.97 19.56
N LEU A 284 8.05 -25.57 19.47
CA LEU A 284 6.94 -26.47 19.75
C LEU A 284 6.23 -26.85 18.45
N ASN A 285 5.80 -28.11 18.33
CA ASN A 285 5.12 -28.56 17.12
C ASN A 285 3.71 -27.94 17.03
N THR A 286 3.17 -27.51 18.18
CA THR A 286 1.85 -26.88 18.24
C THR A 286 1.89 -25.46 17.69
N THR A 287 3.05 -24.82 17.77
CA THR A 287 3.23 -23.58 17.06
C THR A 287 3.06 -23.68 15.56
N TYR A 288 3.65 -24.67 14.93
CA TYR A 288 3.61 -24.73 13.46
C TYR A 288 2.31 -25.29 12.92
N SER A 289 1.62 -26.09 13.69
CA SER A 289 0.37 -26.65 13.24
C SER A 289 -0.76 -25.61 13.44
N PHE A 290 -0.56 -24.73 14.41
CA PHE A 290 -1.39 -23.55 14.53
C PHE A 290 -1.15 -22.63 13.34
N LEU A 291 0.08 -22.20 13.14
CA LEU A 291 0.42 -21.39 11.97
C LEU A 291 -0.01 -21.96 10.62
N THR A 292 -0.04 -23.28 10.49
CA THR A 292 -0.36 -23.91 9.24
C THR A 292 -1.82 -23.69 8.98
N THR A 293 -2.64 -23.88 10.02
CA THR A 293 -4.11 -23.79 9.90
C THR A 293 -4.52 -22.31 9.83
N PHE A 294 -3.84 -21.49 10.59
CA PHE A 294 -4.04 -20.06 10.51
C PHE A 294 -3.74 -19.52 9.12
N PHE A 295 -2.56 -19.81 8.55
CA PHE A 295 -2.21 -19.21 7.25
C PHE A 295 -2.96 -19.82 6.09
N LYS A 296 -3.49 -21.03 6.25
CA LYS A 296 -4.40 -21.57 5.26
C LYS A 296 -5.61 -20.63 5.14
N GLU A 297 -6.19 -20.27 6.30
CA GLU A 297 -7.31 -19.35 6.36
C GLU A 297 -6.93 -18.00 5.74
N ILE A 298 -5.83 -17.38 6.17
CA ILE A 298 -5.37 -16.15 5.52
C ILE A 298 -5.32 -16.25 3.97
N SER A 299 -4.87 -17.39 3.44
CA SER A 299 -4.67 -17.54 1.99
C SER A 299 -5.99 -17.59 1.24
N GLU A 300 -7.01 -18.10 1.91
CA GLU A 300 -8.36 -18.17 1.36
C GLU A 300 -9.10 -16.84 1.49
N VAL A 301 -8.72 -16.01 2.47
CA VAL A 301 -9.48 -14.82 2.81
C VAL A 301 -9.00 -13.62 2.04
N PHE A 302 -7.69 -13.51 1.89
CA PHE A 302 -7.08 -12.42 1.17
C PHE A 302 -6.58 -12.91 -0.14
N PRO A 303 -7.16 -12.41 -1.22
CA PRO A 303 -6.90 -12.97 -2.55
C PRO A 303 -5.57 -12.55 -3.15
N ASP A 304 -4.93 -11.55 -2.60
CA ASP A 304 -3.63 -11.14 -3.13
C ASP A 304 -2.63 -12.25 -3.09
N GLN A 305 -1.65 -12.16 -3.97
CA GLN A 305 -0.68 -13.24 -4.21
C GLN A 305 0.28 -13.38 -3.03
N PHE A 306 0.52 -12.27 -2.37
CA PHE A 306 1.53 -12.12 -1.37
C PHE A 306 0.92 -11.95 0.00
N ILE A 307 1.56 -12.61 0.96
CA ILE A 307 1.35 -12.41 2.36
C ILE A 307 2.64 -11.90 3.00
N HIS A 308 2.53 -10.81 3.76
CA HIS A 308 3.64 -10.26 4.48
C HIS A 308 3.77 -10.89 5.85
N LEU A 309 4.93 -11.49 6.14
CA LEU A 309 5.10 -12.36 7.33
C LEU A 309 5.72 -11.65 8.49
N GLY A 310 6.26 -10.49 8.20
CA GLY A 310 6.84 -9.62 9.18
C GLY A 310 8.29 -9.99 9.38
N GLY A 311 8.59 -10.37 10.64
CA GLY A 311 9.90 -10.87 11.05
C GLY A 311 10.82 -9.77 11.59
N ASP A 312 10.27 -8.60 11.85
CA ASP A 312 11.02 -7.44 12.33
C ASP A 312 11.18 -7.50 13.85
N GLU A 313 12.29 -6.92 14.33
CA GLU A 313 12.53 -6.58 15.73
C GLU A 313 12.28 -7.67 16.78
N VAL A 314 12.67 -8.89 16.48
CA VAL A 314 12.50 -9.96 17.45
C VAL A 314 13.47 -9.72 18.63
N GLU A 315 12.93 -9.72 19.86
CA GLU A 315 13.73 -9.62 21.08
C GLU A 315 14.08 -11.02 21.59
N PHE A 316 15.36 -11.31 21.70
CA PHE A 316 15.77 -12.66 22.08
C PHE A 316 15.72 -12.88 23.59
N LYS A 317 15.71 -11.80 24.36
CA LYS A 317 15.88 -11.89 25.82
C LYS A 317 15.07 -13.03 26.34
N CYS A 318 13.78 -13.01 26.04
CA CYS A 318 12.88 -13.98 26.61
C CYS A 318 13.12 -15.40 26.11
N TRP A 319 13.59 -15.54 24.89
CA TRP A 319 13.85 -16.87 24.30
C TRP A 319 15.05 -17.55 25.00
N GLU A 320 16.05 -16.71 25.25
CA GLU A 320 17.30 -17.17 25.73
C GLU A 320 17.15 -17.42 27.21
N SER A 321 16.14 -16.80 27.82
CA SER A 321 15.87 -17.04 29.24
C SER A 321 15.11 -18.34 29.47
N ASN A 322 14.54 -18.94 28.44
CA ASN A 322 13.59 -20.03 28.66
C ASN A 322 14.34 -21.34 28.69
N PRO A 323 14.17 -22.15 29.73
CA PRO A 323 14.88 -23.44 29.89
C PRO A 323 14.67 -24.45 28.79
N LYS A 324 13.42 -24.77 28.50
CA LYS A 324 13.07 -25.72 27.44
C LYS A 324 13.65 -25.25 26.10
N ILE A 325 13.70 -23.94 25.89
CA ILE A 325 14.22 -23.40 24.64
C ILE A 325 15.74 -23.54 24.66
N GLN A 326 16.39 -23.29 25.80
CA GLN A 326 17.84 -23.57 25.90
C GLN A 326 18.21 -25.03 25.64
N ASP A 327 17.39 -25.97 26.13
CA ASP A 327 17.53 -27.38 25.73
C ASP A 327 17.54 -27.47 24.22
N PHE A 328 16.55 -26.86 23.57
CA PHE A 328 16.35 -26.97 22.13
C PHE A 328 17.57 -26.43 21.38
N MET A 329 18.20 -25.40 21.92
CA MET A 329 19.43 -24.83 21.32
C MET A 329 20.70 -25.71 21.35
N ARG A 330 20.99 -26.34 22.49
CA ARG A 330 22.10 -27.32 22.55
C ARG A 330 21.74 -28.44 21.60
N GLN A 331 20.45 -28.76 21.51
CA GLN A 331 19.98 -29.91 20.77
C GLN A 331 20.06 -29.68 19.26
N LYS A 332 20.34 -28.44 18.85
CA LYS A 332 20.49 -28.08 17.44
C LYS A 332 21.89 -27.61 17.06
N GLY A 333 22.68 -27.28 18.06
CA GLY A 333 24.03 -26.83 17.79
C GLY A 333 24.06 -25.33 17.61
N PHE A 334 23.02 -24.68 18.07
CA PHE A 334 22.92 -23.26 17.85
C PHE A 334 23.74 -22.44 18.86
N GLY A 335 24.23 -23.07 19.91
CA GLY A 335 25.12 -22.36 20.88
C GLY A 335 24.37 -21.23 21.55
N THR A 336 24.95 -20.03 21.52
CA THR A 336 24.27 -18.81 21.95
C THR A 336 23.70 -17.93 20.81
N ASP A 337 23.63 -18.46 19.57
CA ASP A 337 23.22 -17.62 18.42
C ASP A 337 21.70 -17.73 18.08
N PHE A 338 20.99 -16.75 18.60
CA PHE A 338 19.54 -16.75 18.54
C PHE A 338 19.02 -16.30 17.18
N LYS A 339 19.91 -15.78 16.32
CA LYS A 339 19.63 -15.63 14.89
C LYS A 339 19.32 -16.94 14.17
N LYS A 340 19.88 -18.05 14.65
CA LYS A 340 19.73 -19.32 13.94
C LYS A 340 18.39 -19.92 14.29
N LEU A 341 17.90 -19.57 15.47
CA LEU A 341 16.63 -20.10 15.93
C LEU A 341 15.50 -19.28 15.27
N GLU A 342 15.67 -17.97 15.26
CA GLU A 342 14.80 -17.08 14.50
C GLU A 342 14.74 -17.51 13.04
N SER A 343 15.89 -17.85 12.45
CA SER A 343 15.92 -18.37 11.08
C SER A 343 15.19 -19.70 11.01
N PHE A 344 15.47 -20.58 11.95
CA PHE A 344 14.84 -21.88 11.90
C PHE A 344 13.30 -21.68 11.80
N TYR A 345 12.81 -20.69 12.55
CA TYR A 345 11.39 -20.38 12.63
C TYR A 345 10.83 -19.84 11.30
N ILE A 346 11.42 -18.77 10.79
CA ILE A 346 10.88 -18.11 9.62
C ILE A 346 10.93 -19.00 8.38
N GLN A 347 11.95 -19.85 8.29
CA GLN A 347 12.04 -20.81 7.22
C GLN A 347 10.85 -21.77 7.24
N LYS A 348 10.44 -22.17 8.43
CA LYS A 348 9.32 -23.08 8.53
C LYS A 348 8.02 -22.43 8.09
N VAL A 349 7.92 -21.12 8.36
CA VAL A 349 6.73 -20.34 8.03
C VAL A 349 6.72 -20.04 6.54
N LEU A 350 7.85 -19.61 6.00
CA LEU A 350 8.03 -19.52 4.54
C LEU A 350 7.56 -20.80 3.80
N ASP A 351 7.90 -21.99 4.30
CA ASP A 351 7.48 -23.24 3.65
C ASP A 351 5.97 -23.34 3.70
N ILE A 352 5.39 -22.95 4.84
CA ILE A 352 3.96 -23.08 5.01
C ILE A 352 3.25 -22.31 3.87
N ILE A 353 3.78 -21.12 3.55
CA ILE A 353 3.19 -20.22 2.59
C ILE A 353 3.38 -20.78 1.19
N ALA A 354 4.59 -21.23 0.87
CA ALA A 354 4.83 -21.83 -0.43
C ALA A 354 3.88 -23.01 -0.70
N THR A 355 3.56 -23.74 0.35
CA THR A 355 2.75 -24.96 0.25
C THR A 355 1.31 -24.66 -0.15
N ILE A 356 0.80 -23.50 0.22
CA ILE A 356 -0.54 -23.09 -0.18
C ILE A 356 -0.45 -22.01 -1.25
N ASN A 357 0.66 -22.01 -1.97
CA ASN A 357 0.72 -21.40 -3.29
C ASN A 357 0.77 -19.89 -3.32
N LYS A 358 1.12 -19.31 -2.19
CA LYS A 358 1.31 -17.86 -2.11
C LYS A 358 2.79 -17.48 -2.03
N GLY A 359 3.02 -16.19 -2.25
CA GLY A 359 4.34 -15.59 -2.08
C GLY A 359 4.43 -14.86 -0.75
N SER A 360 5.65 -14.45 -0.38
CA SER A 360 5.93 -14.00 0.96
C SER A 360 6.73 -12.72 0.87
N ILE A 361 6.44 -11.78 1.78
CA ILE A 361 7.24 -10.60 1.92
C ILE A 361 7.71 -10.56 3.37
N VAL A 362 8.82 -9.88 3.60
CA VAL A 362 9.54 -10.11 4.81
C VAL A 362 10.32 -8.84 5.13
N TRP A 363 10.25 -8.39 6.38
CA TRP A 363 11.07 -7.22 6.75
C TRP A 363 12.54 -7.64 6.71
N GLN A 364 13.41 -6.68 6.46
CA GLN A 364 14.80 -6.98 6.13
C GLN A 364 15.54 -7.87 7.13
N GLU A 365 15.26 -7.75 8.43
CA GLU A 365 15.92 -8.57 9.46
C GLU A 365 15.93 -10.05 9.14
N VAL A 366 14.90 -10.53 8.48
CA VAL A 366 14.86 -11.95 8.15
C VAL A 366 16.02 -12.27 7.20
N PHE A 367 16.33 -11.33 6.31
CA PHE A 367 17.44 -11.52 5.40
C PHE A 367 18.76 -11.24 6.12
N ASP A 368 18.86 -10.14 6.88
CA ASP A 368 20.10 -9.79 7.63
C ASP A 368 20.64 -10.84 8.64
N ASP A 369 19.69 -11.52 9.28
CA ASP A 369 19.93 -12.50 10.28
C ASP A 369 20.05 -13.86 9.58
N LYS A 370 20.22 -13.84 8.26
CA LYS A 370 20.86 -14.95 7.51
C LYS A 370 19.96 -16.14 7.41
N ALA A 371 18.66 -15.90 7.33
CA ALA A 371 17.73 -16.96 6.94
C ALA A 371 17.89 -17.35 5.48
N LYS A 372 17.47 -18.58 5.17
CA LYS A 372 17.54 -19.14 3.84
C LYS A 372 16.15 -18.98 3.21
N LEU A 373 16.05 -18.09 2.23
CA LEU A 373 14.76 -17.76 1.62
C LEU A 373 14.59 -18.38 0.24
N ALA A 374 13.47 -19.07 0.00
CA ALA A 374 13.13 -19.50 -1.36
C ALA A 374 13.31 -18.30 -2.28
N PRO A 375 13.84 -18.51 -3.49
CA PRO A 375 13.81 -17.40 -4.46
C PRO A 375 12.37 -17.00 -4.81
N GLY A 376 12.16 -15.71 -5.08
CA GLY A 376 10.80 -15.14 -5.28
C GLY A 376 10.32 -14.30 -4.09
N THR A 377 11.11 -14.31 -3.04
CA THR A 377 10.64 -13.86 -1.78
C THR A 377 11.03 -12.41 -1.64
N ILE A 378 10.06 -11.55 -1.37
CA ILE A 378 10.28 -10.14 -1.41
C ILE A 378 10.74 -9.68 -0.06
N VAL A 379 11.66 -8.73 -0.08
CA VAL A 379 12.28 -8.28 1.13
C VAL A 379 11.99 -6.81 1.24
N GLU A 380 11.54 -6.38 2.41
CA GLU A 380 11.22 -4.98 2.59
C GLU A 380 12.23 -4.34 3.51
N VAL A 381 12.85 -3.28 3.00
CA VAL A 381 13.90 -2.61 3.66
C VAL A 381 13.40 -1.36 4.39
N TRP A 382 13.52 -1.40 5.70
CA TRP A 382 12.95 -0.37 6.54
C TRP A 382 13.91 0.46 7.40
N LYS A 383 15.07 -0.12 7.73
CA LYS A 383 16.01 0.55 8.62
C LYS A 383 16.71 1.65 7.89
N ASP A 384 16.68 2.86 8.46
CA ASP A 384 17.28 4.06 7.85
C ASP A 384 18.76 4.18 8.23
N SER A 385 19.48 3.08 8.24
CA SER A 385 20.91 3.09 8.55
C SER A 385 21.61 2.57 7.31
N ALA A 386 22.08 3.49 6.46
CA ALA A 386 22.74 3.09 5.23
C ALA A 386 21.90 2.05 4.48
N TYR A 387 20.72 2.45 4.02
CA TYR A 387 19.78 1.53 3.33
C TYR A 387 20.18 1.29 1.84
N PRO A 388 20.84 2.28 1.21
CA PRO A 388 21.31 1.96 -0.14
C PRO A 388 22.13 0.69 -0.09
N GLU A 389 22.96 0.53 0.94
CA GLU A 389 23.80 -0.67 1.04
C GLU A 389 23.02 -1.95 1.32
N GLU A 390 21.92 -1.84 2.08
CA GLU A 390 20.96 -2.97 2.17
C GLU A 390 20.36 -3.29 0.83
N LEU A 391 19.90 -2.27 0.12
CA LEU A 391 19.36 -2.49 -1.22
C LEU A 391 20.37 -3.24 -2.10
N SER A 392 21.65 -2.83 -2.03
CA SER A 392 22.74 -3.56 -2.71
C SER A 392 22.78 -5.02 -2.32
N ARG A 393 22.93 -5.31 -1.02
CA ARG A 393 23.10 -6.71 -0.54
C ARG A 393 21.93 -7.57 -0.97
N VAL A 394 20.72 -7.07 -0.71
CA VAL A 394 19.49 -7.82 -0.96
C VAL A 394 19.36 -8.14 -2.44
N THR A 395 19.57 -7.14 -3.28
CA THR A 395 19.52 -7.35 -4.73
C THR A 395 20.68 -8.23 -5.18
N ALA A 396 21.86 -8.05 -4.56
CA ALA A 396 23.03 -8.89 -4.90
C ALA A 396 22.65 -10.38 -4.73
N SER A 397 21.91 -10.71 -3.68
CA SER A 397 21.56 -12.12 -3.45
C SER A 397 20.36 -12.59 -4.26
N GLY A 398 19.84 -11.76 -5.17
CA GLY A 398 18.77 -12.17 -6.11
C GLY A 398 17.29 -11.92 -5.74
N PHE A 399 17.05 -11.16 -4.68
CA PHE A 399 15.71 -11.07 -4.12
C PHE A 399 15.05 -9.73 -4.48
N PRO A 400 13.78 -9.77 -4.90
CA PRO A 400 13.03 -8.54 -5.09
C PRO A 400 13.00 -7.71 -3.83
N VAL A 401 13.17 -6.40 -3.99
CA VAL A 401 13.18 -5.54 -2.86
C VAL A 401 12.18 -4.37 -2.98
N ILE A 402 11.67 -3.96 -1.82
CA ILE A 402 10.76 -2.84 -1.65
C ILE A 402 11.38 -1.95 -0.58
N LEU A 403 11.26 -0.64 -0.73
CA LEU A 403 11.87 0.27 0.23
C LEU A 403 10.79 1.05 0.97
N SER A 404 10.84 1.04 2.30
CA SER A 404 10.10 2.01 3.14
C SER A 404 10.96 2.97 3.93
N ALA A 405 12.24 2.62 4.09
CA ALA A 405 13.10 3.26 5.10
C ALA A 405 13.06 4.76 5.17
N PRO A 406 13.05 5.45 4.06
CA PRO A 406 13.12 6.91 4.26
C PRO A 406 11.73 7.53 4.30
N TRP A 407 10.72 6.65 4.28
CA TRP A 407 9.34 7.09 4.24
C TRP A 407 8.53 6.56 5.47
N TYR A 408 9.10 6.76 6.66
CA TYR A 408 8.42 6.46 7.94
C TYR A 408 7.60 7.69 8.37
N LEU A 409 6.37 7.74 7.89
CA LEU A 409 5.59 8.95 8.03
C LEU A 409 4.95 9.03 9.43
N ASN A 410 5.00 7.97 10.24
CA ASN A 410 4.80 8.15 11.71
C ASN A 410 5.78 9.09 12.37
N ARG A 411 6.96 9.22 11.78
CA ARG A 411 7.99 10.09 12.31
C ARG A 411 7.84 11.48 11.81
N ILE A 412 6.95 12.21 12.45
CA ILE A 412 6.67 13.58 12.06
C ILE A 412 7.78 14.54 12.45
N SER A 413 7.80 15.72 11.85
CA SER A 413 8.78 16.75 12.24
C SER A 413 8.22 18.06 11.80
N TYR A 414 8.74 19.13 12.38
CA TYR A 414 8.25 20.45 12.06
C TYR A 414 8.63 20.80 10.62
N GLY A 415 7.69 21.35 9.85
CA GLY A 415 8.03 21.93 8.54
C GLY A 415 7.72 21.07 7.31
N GLN A 416 8.30 21.45 6.19
CA GLN A 416 8.00 20.78 4.97
C GLN A 416 8.78 19.51 4.79
N ASP A 417 8.48 18.51 5.61
CA ASP A 417 9.10 17.21 5.45
C ASP A 417 8.71 16.51 4.16
N TRP A 418 7.77 17.06 3.42
CA TRP A 418 7.33 16.38 2.20
C TRP A 418 8.47 16.40 1.16
N ARG A 419 9.26 17.45 1.22
CA ARG A 419 10.45 17.61 0.38
C ARG A 419 11.46 16.50 0.61
N LYS A 420 11.72 16.19 1.87
CA LYS A 420 12.66 15.14 2.21
C LYS A 420 12.18 13.86 1.55
N TYR A 421 10.90 13.52 1.68
CA TYR A 421 10.35 12.30 1.08
C TYR A 421 10.46 12.32 -0.46
N TYR A 422 10.13 13.47 -1.03
CA TYR A 422 10.12 13.68 -2.46
C TYR A 422 11.52 13.60 -3.07
N LYS A 423 12.54 14.11 -2.37
CA LYS A 423 13.90 14.12 -2.90
C LYS A 423 14.56 12.76 -2.95
N VAL A 424 13.99 11.75 -2.32
CA VAL A 424 14.58 10.42 -2.40
C VAL A 424 14.66 9.97 -3.85
N GLU A 425 15.77 9.34 -4.22
CA GLU A 425 15.87 8.66 -5.50
C GLU A 425 16.22 7.23 -5.17
N PRO A 426 15.24 6.35 -5.18
CA PRO A 426 15.45 5.02 -4.63
C PRO A 426 16.53 4.16 -5.27
N LEU A 427 16.81 4.36 -6.55
CA LEU A 427 17.81 3.53 -7.27
C LEU A 427 19.27 4.02 -7.16
N ASP A 428 19.49 5.14 -6.45
CA ASP A 428 20.84 5.59 -6.04
C ASP A 428 21.40 4.62 -4.97
N PHE A 429 21.67 3.41 -5.43
CA PHE A 429 22.47 2.44 -4.73
C PHE A 429 23.32 1.63 -5.71
N GLY A 430 24.35 1.00 -5.17
CA GLY A 430 25.28 0.22 -5.98
C GLY A 430 24.68 -1.05 -6.57
N GLY A 431 24.79 -1.18 -7.90
CA GLY A 431 24.50 -2.45 -8.53
C GLY A 431 24.33 -2.37 -10.03
N THR A 432 24.19 -3.54 -10.65
CA THR A 432 24.06 -3.67 -12.10
C THR A 432 22.69 -3.26 -12.58
N GLN A 433 22.58 -3.00 -13.87
CA GLN A 433 21.28 -2.80 -14.48
C GLN A 433 20.29 -3.86 -14.04
N LYS A 434 20.77 -5.06 -13.77
CA LYS A 434 19.84 -6.14 -13.50
C LYS A 434 19.54 -6.33 -12.02
N GLN A 435 20.49 -6.02 -11.15
CA GLN A 435 20.21 -5.93 -9.71
C GLN A 435 19.08 -4.94 -9.46
N LYS A 436 19.14 -3.81 -10.17
CA LYS A 436 18.23 -2.69 -10.03
C LYS A 436 16.81 -3.00 -10.49
N GLN A 437 16.66 -3.98 -11.36
CA GLN A 437 15.34 -4.34 -11.81
C GLN A 437 14.61 -5.19 -10.78
N LEU A 438 15.32 -5.60 -9.74
CA LEU A 438 14.70 -6.30 -8.64
C LEU A 438 14.05 -5.32 -7.61
N PHE A 439 14.38 -4.03 -7.72
CA PHE A 439 13.69 -3.00 -6.98
C PHE A 439 12.29 -2.76 -7.58
N ILE A 440 11.25 -3.32 -6.97
CA ILE A 440 9.90 -3.22 -7.54
C ILE A 440 9.06 -2.09 -6.99
N GLY A 441 9.56 -1.37 -5.98
CA GLY A 441 8.96 -0.12 -5.57
C GLY A 441 9.09 0.14 -4.09
N GLY A 442 8.07 0.79 -3.53
CA GLY A 442 8.16 1.43 -2.22
C GLY A 442 6.84 1.46 -1.43
N GLU A 443 6.91 1.80 -0.15
CA GLU A 443 5.72 2.03 0.66
C GLU A 443 5.98 3.14 1.63
N ALA A 444 5.03 4.07 1.78
CA ALA A 444 5.02 5.05 2.85
C ALA A 444 4.32 4.43 4.07
N CYS A 445 4.95 4.48 5.23
CA CYS A 445 4.47 3.73 6.37
C CYS A 445 3.94 4.65 7.44
N LEU A 446 2.73 4.38 7.92
CA LEU A 446 2.17 5.18 9.03
C LEU A 446 1.82 4.26 10.21
N TRP A 447 2.87 3.81 10.87
CA TRP A 447 2.72 3.07 12.10
C TRP A 447 1.79 3.81 13.08
N GLY A 448 1.13 3.04 13.95
CA GLY A 448 -0.04 3.54 14.65
C GLY A 448 0.03 3.98 16.12
N GLU A 449 1.17 3.78 16.77
CA GLU A 449 1.31 4.17 18.15
C GLU A 449 0.69 5.54 18.44
N TYR A 450 0.95 6.52 17.57
CA TYR A 450 0.46 7.91 17.78
C TYR A 450 -0.69 8.28 16.85
N VAL A 451 -1.23 7.30 16.16
CA VAL A 451 -2.23 7.57 15.12
C VAL A 451 -3.55 6.79 15.22
N ASP A 452 -4.63 7.55 15.13
CA ASP A 452 -5.97 6.95 14.96
C ASP A 452 -6.90 7.79 14.08
N ALA A 453 -8.19 7.46 14.09
CA ALA A 453 -9.13 8.17 13.17
C ALA A 453 -9.00 9.68 13.28
N THR A 454 -8.60 10.17 14.43
CA THR A 454 -8.70 11.60 14.63
C THR A 454 -7.64 12.32 13.84
N ASN A 455 -6.52 11.66 13.55
CA ASN A 455 -5.36 12.35 13.01
C ASN A 455 -4.71 11.69 11.78
N LEU A 456 -5.13 10.46 11.45
CA LEU A 456 -4.62 9.72 10.31
C LEU A 456 -4.54 10.54 9.04
N THR A 457 -5.69 11.01 8.56
CA THR A 457 -5.77 11.59 7.23
C THR A 457 -4.93 12.82 7.05
N PRO A 458 -4.92 13.72 8.03
CA PRO A 458 -4.03 14.85 7.72
C PRO A 458 -2.54 14.54 7.95
N ARG A 459 -2.22 13.61 8.83
CA ARG A 459 -0.81 13.21 8.96
C ARG A 459 -0.32 12.55 7.64
N LEU A 460 -1.17 11.76 7.02
CA LEU A 460 -0.78 10.94 5.88
C LEU A 460 -0.69 11.76 4.58
N TRP A 461 -1.66 12.65 4.36
CA TRP A 461 -1.79 13.35 3.08
C TRP A 461 -1.64 14.74 3.44
N PRO A 462 -0.78 15.49 2.74
CA PRO A 462 -0.19 15.10 1.46
C PRO A 462 1.26 14.59 1.56
N ARG A 463 1.72 14.31 2.76
CA ARG A 463 3.08 13.87 2.91
C ARG A 463 3.30 12.63 2.10
N ALA A 464 2.32 11.74 2.04
CA ALA A 464 2.50 10.51 1.29
C ALA A 464 2.39 10.73 -0.21
N SER A 465 1.77 11.81 -0.62
CA SER A 465 1.73 12.14 -2.01
C SER A 465 3.17 12.33 -2.53
N ALA A 466 4.08 12.79 -1.68
CA ALA A 466 5.47 13.02 -2.15
C ALA A 466 6.03 11.72 -2.62
N VAL A 467 5.64 10.67 -1.91
CA VAL A 467 6.09 9.31 -2.20
C VAL A 467 5.36 8.74 -3.43
N GLY A 468 4.08 9.08 -3.54
CA GLY A 468 3.29 8.69 -4.69
C GLY A 468 3.92 9.15 -5.99
N GLU A 469 4.29 10.42 -6.05
CA GLU A 469 4.92 10.94 -7.26
C GLU A 469 6.26 10.26 -7.51
N ARG A 470 7.06 10.07 -6.47
CA ARG A 470 8.39 9.56 -6.69
C ARG A 470 8.28 8.17 -7.18
N LEU A 471 7.25 7.44 -6.75
CA LEU A 471 7.11 6.06 -7.17
C LEU A 471 6.42 5.89 -8.54
N TRP A 472 5.68 6.90 -8.99
CA TRP A 472 4.93 6.80 -10.28
C TRP A 472 5.70 7.51 -11.42
N SER A 473 6.00 8.78 -11.21
CA SER A 473 6.69 9.61 -12.14
C SER A 473 8.12 9.19 -12.52
N SER A 474 8.56 9.64 -13.69
CA SER A 474 10.00 9.60 -14.04
C SER A 474 10.96 10.02 -12.95
N LYS A 475 12.04 9.27 -12.87
CA LYS A 475 13.26 9.65 -12.15
C LYS A 475 13.59 11.13 -12.33
N ASP A 476 13.50 11.62 -13.54
CA ASP A 476 13.84 13.01 -13.84
C ASP A 476 12.93 14.04 -13.21
N VAL A 477 11.76 13.64 -12.73
CA VAL A 477 10.82 14.67 -12.25
C VAL A 477 11.20 15.10 -10.84
N ARG A 478 11.72 16.29 -10.70
CA ARG A 478 12.45 16.66 -9.47
C ARG A 478 12.43 18.12 -9.11
N ASP A 479 11.97 18.96 -10.03
CA ASP A 479 11.99 20.40 -9.80
C ASP A 479 11.17 20.67 -8.54
N MET A 480 11.74 21.33 -7.53
CA MET A 480 11.01 21.56 -6.29
C MET A 480 9.96 22.66 -6.40
N ASP A 481 10.21 23.69 -7.19
CA ASP A 481 9.22 24.76 -7.29
C ASP A 481 7.96 24.23 -8.00
N ASP A 482 8.16 23.33 -8.94
CA ASP A 482 7.07 22.88 -9.74
C ASP A 482 6.27 21.87 -8.92
N ALA A 483 6.97 21.13 -8.07
CA ALA A 483 6.35 20.14 -7.21
C ALA A 483 5.51 20.87 -6.17
N TYR A 484 6.06 21.92 -5.59
CA TYR A 484 5.31 22.65 -4.60
C TYR A 484 4.01 23.18 -5.24
N ASP A 485 4.13 23.77 -6.42
CA ASP A 485 3.00 24.39 -7.10
C ASP A 485 1.90 23.35 -7.33
N ARG A 486 2.24 22.17 -7.83
CA ARG A 486 1.27 21.18 -8.23
C ARG A 486 0.70 20.49 -6.99
N LEU A 487 1.56 20.22 -6.01
CA LEU A 487 1.13 19.60 -4.77
C LEU A 487 0.24 20.50 -3.92
N THR A 488 0.44 21.82 -3.92
CA THR A 488 -0.48 22.70 -3.21
C THR A 488 -1.89 22.58 -3.78
N ARG A 489 -1.98 22.50 -5.10
CA ARG A 489 -3.26 22.44 -5.79
C ARG A 489 -3.90 21.05 -5.70
N HIS A 490 -3.09 20.01 -5.74
CA HIS A 490 -3.57 18.66 -5.60
C HIS A 490 -4.11 18.49 -4.18
N ARG A 491 -3.43 19.07 -3.20
CA ARG A 491 -3.88 18.98 -1.83
C ARG A 491 -5.18 19.72 -1.67
N CYS A 492 -5.32 20.88 -2.26
CA CYS A 492 -6.63 21.58 -2.22
C CYS A 492 -7.76 20.78 -2.82
N ARG A 493 -7.50 20.11 -3.93
CA ARG A 493 -8.45 19.20 -4.53
C ARG A 493 -8.80 18.01 -3.63
N MET A 494 -7.81 17.40 -3.01
CA MET A 494 -8.07 16.26 -2.09
C MET A 494 -9.09 16.70 -1.04
N VAL A 495 -8.92 17.92 -0.54
CA VAL A 495 -9.85 18.48 0.43
C VAL A 495 -11.22 18.71 -0.13
N GLU A 496 -11.32 19.22 -1.35
CA GLU A 496 -12.64 19.34 -1.97
C GLU A 496 -13.38 18.01 -1.98
N ARG A 497 -12.66 16.89 -2.13
CA ARG A 497 -13.27 15.58 -2.29
C ARG A 497 -13.49 14.88 -0.98
N GLY A 498 -13.27 15.62 0.09
CA GLY A 498 -13.52 15.11 1.42
C GLY A 498 -12.36 14.38 2.05
N ILE A 499 -11.11 14.58 1.55
CA ILE A 499 -9.93 14.07 2.25
C ILE A 499 -9.27 15.23 2.92
N ALA A 500 -9.38 15.29 4.24
CA ALA A 500 -8.79 16.34 5.03
C ALA A 500 -7.23 16.33 5.05
N ALA A 501 -6.62 16.54 3.91
CA ALA A 501 -5.16 16.61 3.81
C ALA A 501 -4.63 17.94 4.28
N GLN A 502 -3.54 17.91 5.02
CA GLN A 502 -3.08 19.17 5.63
C GLN A 502 -2.31 20.08 4.71
N PRO A 503 -2.16 21.34 5.12
CA PRO A 503 -1.42 22.25 4.28
C PRO A 503 0.11 21.94 4.14
N LEU A 504 0.69 22.43 3.05
CA LEU A 504 2.13 22.44 2.90
C LEU A 504 2.72 23.63 3.58
N TYR A 505 2.05 24.78 3.49
CA TYR A 505 2.57 26.01 4.05
C TYR A 505 1.43 26.97 3.96
N ALA A 506 1.65 28.23 4.34
CA ALA A 506 0.62 29.26 4.28
C ALA A 506 -0.08 29.34 2.96
N GLY A 507 -1.30 29.88 2.98
CA GLY A 507 -2.11 29.99 1.79
C GLY A 507 -3.57 29.64 2.06
N TYR A 508 -4.26 29.41 0.96
CA TYR A 508 -5.69 29.21 0.97
C TYR A 508 -6.14 28.31 -0.19
N CYS A 509 -7.29 27.68 -0.05
CA CYS A 509 -7.95 27.00 -1.17
C CYS A 509 -9.22 27.78 -1.59
N ASN A 510 -9.43 27.99 -2.90
CA ASN A 510 -10.74 27.69 -3.60
C ASN A 510 -10.76 28.27 -4.99
C1 NAG B . -4.24 26.20 -21.75
C2 NAG B . -2.75 26.47 -21.63
C3 NAG B . -2.51 27.88 -21.12
C4 NAG B . -3.12 28.89 -22.07
C5 NAG B . -4.60 28.52 -22.16
C6 NAG B . -5.36 29.52 -23.04
C7 NAG B . -0.92 25.02 -20.98
C8 NAG B . -0.32 24.23 -19.84
N2 NAG B . -2.07 25.60 -20.69
O3 NAG B . -1.13 28.12 -20.99
O4 NAG B . -2.92 30.15 -21.47
O5 NAG B . -4.79 27.18 -22.62
O6 NAG B . -4.90 29.32 -24.35
O7 NAG B . -0.38 25.06 -22.11
C1 NAG B . -2.42 31.22 -22.33
C2 NAG B . -2.38 32.51 -21.48
C3 NAG B . -1.98 33.74 -22.32
C4 NAG B . -0.60 33.44 -22.91
C5 NAG B . -0.63 32.09 -23.65
C6 NAG B . 0.75 31.67 -24.16
C7 NAG B . -4.82 32.70 -20.91
C8 NAG B . -5.80 32.64 -19.77
N2 NAG B . -3.53 32.55 -20.57
O3 NAG B . -1.87 34.93 -21.56
O4 NAG B . -0.14 34.50 -23.72
O5 NAG B . -1.11 31.03 -22.82
O6 NAG B . 0.63 30.36 -24.69
O7 NAG B . -5.18 32.95 -22.07
C1 NAG C . -1.93 -11.39 -12.51
C2 NAG C . -2.08 -12.88 -12.20
C3 NAG C . -2.11 -13.69 -13.49
C4 NAG C . -3.28 -13.26 -14.39
C5 NAG C . -3.30 -11.72 -14.55
C6 NAG C . -4.72 -11.23 -14.87
C7 NAG C . -1.17 -13.84 -10.09
C8 NAG C . 0.12 -14.22 -9.41
N2 NAG C . -1.00 -13.32 -11.32
O3 NAG C . -2.19 -15.09 -13.23
O4 NAG C . -3.10 -13.93 -15.64
O5 NAG C . -2.94 -10.96 -13.41
O6 NAG C . -5.63 -11.62 -13.87
O7 NAG C . -2.27 -14.02 -9.53
C1 NAG C . -4.25 -14.23 -16.47
C2 NAG C . -3.75 -15.08 -17.66
C3 NAG C . -4.91 -15.38 -18.65
C4 NAG C . -6.13 -15.95 -17.89
C5 NAG C . -6.49 -15.11 -16.66
C6 NAG C . -7.62 -15.85 -15.92
C7 NAG C . -1.24 -14.66 -17.87
C8 NAG C . -0.84 -15.67 -16.81
N2 NAG C . -2.53 -14.45 -18.24
O3 NAG C . -4.60 -16.31 -19.67
O4 NAG C . -7.27 -16.18 -18.72
O5 NAG C . -5.35 -14.90 -15.84
O6 NAG C . -8.07 -15.11 -14.80
O7 NAG C . -0.32 -14.04 -18.41
C1 GOL D . 2.98 18.11 4.66
O1 GOL D . 1.89 19.02 4.51
C2 GOL D . 4.37 18.81 4.76
O2 GOL D . 5.36 17.95 5.33
C3 GOL D . 4.31 20.06 5.60
O3 GOL D . 4.21 21.19 4.72
C FMT E . -21.65 9.57 -16.11
O1 FMT E . -20.78 10.42 -16.10
O2 FMT E . -21.80 8.77 -15.06
#